data_5YYF
#
_entry.id   5YYF
#
_cell.length_a   91.536
_cell.length_b   43.992
_cell.length_c   89.053
_cell.angle_alpha   90.00
_cell.angle_beta   95.86
_cell.angle_gamma   90.00
#
_symmetry.space_group_name_H-M   'C 1 2 1'
#
loop_
_entity.id
_entity.type
_entity.pdbx_description
1 polymer 'Protein AF-9'
2 polymer 'Peptide inhibitor PHQ-H3(Q5-K9)'
3 non-polymer 'SULFATE ION'
4 non-polymer '2-FUROIC ACID'
5 water water
#
loop_
_entity_poly.entity_id
_entity_poly.type
_entity_poly.pdbx_seq_one_letter_code
_entity_poly.pdbx_strand_id
1 'polypeptide(L)'
;GSHMASSCAVQVKLELGHRAQVRKKPTVEGFTHDWMVFVRGPEHSNIQHFVEKVVFHLHESFPRPKRVCKDPPYKVEESG
YAGFILPIEVYFKNKEEPRKVRFDYDLFLHLEGHPPVNHLRCEKLTFNNPTEDFRRKLLKA
;
A,C
2 'polypeptide(L)' (PHQ)QTARK(NH2) B,D
#
# COMPACT_ATOMS: atom_id res chain seq x y z
N MET A 4 18.90 4.62 27.15
CA MET A 4 19.24 5.98 27.54
C MET A 4 18.04 6.74 28.08
N ALA A 5 18.28 7.95 28.55
CA ALA A 5 17.20 8.86 28.89
C ALA A 5 16.55 9.49 27.67
N SER A 6 17.18 9.41 26.50
CA SER A 6 16.76 10.21 25.36
C SER A 6 16.48 9.33 24.14
N SER A 7 15.64 9.87 23.25
CA SER A 7 15.34 9.26 21.97
C SER A 7 15.17 10.37 20.94
N CYS A 8 15.28 9.99 19.67
CA CYS A 8 15.27 10.94 18.57
C CYS A 8 14.31 10.46 17.49
N ALA A 9 13.57 11.40 16.91
CA ALA A 9 12.81 11.17 15.69
C ALA A 9 13.20 12.25 14.69
N VAL A 10 13.75 11.83 13.55
CA VAL A 10 14.17 12.76 12.51
C VAL A 10 13.17 12.67 11.37
N GLN A 11 12.77 13.83 10.86
CA GLN A 11 11.82 13.93 9.77
C GLN A 11 12.51 14.59 8.58
N VAL A 12 12.37 13.98 7.40
CA VAL A 12 12.95 14.53 6.19
C VAL A 12 11.83 14.72 5.17
N LYS A 13 11.84 15.88 4.50
CA LYS A 13 10.86 16.20 3.48
C LYS A 13 11.46 15.95 2.10
N LEU A 14 10.71 15.27 1.26
CA LEU A 14 11.08 15.10 -0.14
C LEU A 14 10.01 15.70 -1.02
N GLU A 15 10.44 16.15 -2.20
CA GLU A 15 9.52 16.60 -3.25
C GLU A 15 9.74 15.73 -4.47
N LEU A 16 8.69 15.05 -4.89
CA LEU A 16 8.66 14.32 -6.15
C LEU A 16 7.79 15.12 -7.12
N GLY A 17 8.17 15.13 -8.38
CA GLY A 17 7.38 15.90 -9.33
C GLY A 17 7.80 15.60 -10.75
N HIS A 18 6.98 16.11 -11.67
CA HIS A 18 7.30 15.96 -13.08
C HIS A 18 6.64 17.09 -13.86
N ARG A 19 7.21 17.36 -15.02
CA ARG A 19 6.62 18.25 -16.01
C ARG A 19 6.49 17.49 -17.32
N ALA A 20 5.40 17.73 -18.04
CA ALA A 20 5.14 17.04 -19.30
C ALA A 20 4.52 18.03 -20.28
N GLN A 21 5.07 18.08 -21.49
CA GLN A 21 4.67 19.06 -22.48
C GLN A 21 4.48 18.37 -23.83
N VAL A 22 3.36 18.67 -24.49
CA VAL A 22 3.15 18.19 -25.84
C VAL A 22 4.16 18.84 -26.77
N ARG A 23 4.89 18.03 -27.50
CA ARG A 23 5.88 18.54 -28.44
C ARG A 23 5.19 19.31 -29.56
N LYS A 24 5.82 20.38 -30.00
CA LYS A 24 5.42 21.07 -31.21
C LYS A 24 5.30 20.10 -32.34
N LYS A 25 6.30 19.23 -32.45
CA LYS A 25 6.44 18.27 -33.54
C LYS A 25 6.86 16.93 -32.92
N PRO A 26 6.10 15.86 -33.14
CA PRO A 26 6.49 14.55 -32.60
C PRO A 26 7.91 14.17 -32.98
N THR A 27 8.53 13.31 -32.16
CA THR A 27 9.83 12.78 -32.51
C THR A 27 9.71 11.91 -33.77
N VAL A 28 10.88 11.52 -34.30
CA VAL A 28 10.91 10.71 -35.51
C VAL A 28 10.20 9.38 -35.29
N GLU A 29 10.18 8.88 -34.05
CA GLU A 29 9.42 7.69 -33.69
C GLU A 29 7.95 7.98 -33.48
N GLY A 30 7.55 9.25 -33.47
CA GLY A 30 6.17 9.61 -33.21
C GLY A 30 5.85 9.88 -31.76
N PHE A 31 6.84 9.92 -30.87
CA PHE A 31 6.60 10.25 -29.47
C PHE A 31 6.05 11.68 -29.38
N THR A 32 4.98 11.85 -28.62
CA THR A 32 4.21 13.10 -28.63
C THR A 32 4.62 14.08 -27.54
N HIS A 33 5.14 13.60 -26.41
CA HIS A 33 5.39 14.44 -25.25
C HIS A 33 6.87 14.41 -24.88
N ASP A 34 7.34 15.52 -24.32
CA ASP A 34 8.61 15.57 -23.59
C ASP A 34 8.28 15.67 -22.10
N TRP A 35 8.93 14.86 -21.28
CA TRP A 35 8.69 14.98 -19.85
C TRP A 35 9.99 14.82 -19.07
N MET A 36 9.92 15.24 -17.82
CA MET A 36 11.03 15.19 -16.87
C MET A 36 10.45 14.90 -15.51
N VAL A 37 11.03 13.94 -14.80
CA VAL A 37 10.57 13.54 -13.47
C VAL A 37 11.75 13.70 -12.52
N PHE A 38 11.46 14.06 -11.26
CA PHE A 38 12.55 14.40 -10.35
C PHE A 38 12.20 14.06 -8.91
N VAL A 39 13.26 13.91 -8.12
CA VAL A 39 13.20 13.86 -6.66
C VAL A 39 14.19 14.88 -6.13
N ARG A 40 13.74 15.73 -5.21
CA ARG A 40 14.59 16.78 -4.66
C ARG A 40 14.15 17.07 -3.23
N GLY A 41 14.94 17.91 -2.56
CA GLY A 41 14.54 18.45 -1.28
C GLY A 41 13.80 19.75 -1.47
N PRO A 42 13.06 20.18 -0.45
CA PRO A 42 12.33 21.45 -0.58
C PRO A 42 13.25 22.65 -0.47
N GLU A 43 12.98 23.66 -1.30
CA GLU A 43 13.66 24.95 -1.25
C GLU A 43 15.18 24.79 -1.41
N HIS A 44 15.58 24.00 -2.41
CA HIS A 44 16.97 23.83 -2.80
C HIS A 44 17.82 23.22 -1.68
N SER A 45 17.19 22.49 -0.77
CA SER A 45 17.94 21.80 0.27
C SER A 45 18.71 20.63 -0.32
N ASN A 46 19.84 20.32 0.30
CA ASN A 46 20.74 19.26 -0.15
C ASN A 46 20.29 17.94 0.49
N ILE A 47 19.78 17.03 -0.32
CA ILE A 47 19.45 15.69 0.19
C ILE A 47 20.53 14.67 -0.07
N GLN A 48 21.58 15.02 -0.85
CA GLN A 48 22.68 14.09 -1.06
C GLN A 48 23.38 13.72 0.24
N HIS A 49 23.27 14.56 1.28
CA HIS A 49 23.87 14.21 2.57
C HIS A 49 23.43 12.84 3.04
N PHE A 50 22.18 12.51 2.80
CA PHE A 50 21.62 11.24 3.22
C PHE A 50 21.11 10.27 2.16
N VAL A 51 21.08 10.68 0.91
CA VAL A 51 20.66 9.87 -0.18
C VAL A 51 21.87 9.30 -0.93
N GLU A 52 21.88 8.00 -1.08
CA GLU A 52 22.90 7.32 -1.78
C GLU A 52 22.63 7.44 -3.25
N LYS A 53 21.42 7.12 -3.66
CA LYS A 53 21.01 7.15 -5.06
C LYS A 53 19.51 7.15 -5.16
N VAL A 54 19.00 7.55 -6.32
CA VAL A 54 17.58 7.50 -6.62
C VAL A 54 17.42 6.68 -7.89
N VAL A 55 16.60 5.63 -7.82
CA VAL A 55 16.38 4.72 -8.94
C VAL A 55 14.98 4.96 -9.49
N PHE A 56 14.91 5.35 -10.76
CA PHE A 56 13.64 5.53 -11.45
C PHE A 56 13.37 4.30 -12.31
N HIS A 57 12.28 3.60 -12.03
CA HIS A 57 11.90 2.40 -12.77
C HIS A 57 10.88 2.78 -13.84
N LEU A 58 11.37 3.00 -15.05
CA LEU A 58 10.49 3.38 -16.16
C LEU A 58 9.70 2.18 -16.66
N HIS A 59 8.64 2.48 -17.41
CA HIS A 59 7.85 1.43 -18.03
C HIS A 59 8.71 0.59 -18.95
N GLU A 60 8.40 -0.72 -19.01
CA GLU A 60 9.24 -1.65 -19.75
C GLU A 60 9.32 -1.32 -21.24
N SER A 61 8.40 -0.50 -21.76
CA SER A 61 8.50 -0.07 -23.15
C SER A 61 9.70 0.83 -23.39
N PHE A 62 10.25 1.44 -22.33
CA PHE A 62 11.45 2.25 -22.51
C PHE A 62 12.69 1.37 -22.56
N PRO A 63 13.61 1.63 -23.49
CA PRO A 63 14.88 0.91 -23.47
C PRO A 63 15.65 1.21 -22.19
N ARG A 64 16.20 0.15 -21.58
CA ARG A 64 16.98 0.27 -20.36
C ARG A 64 16.18 0.97 -19.27
N PRO A 65 15.03 0.44 -18.85
CA PRO A 65 14.10 1.22 -18.03
C PRO A 65 14.60 1.56 -16.63
N LYS A 66 15.64 0.90 -16.13
CA LYS A 66 16.16 1.19 -14.79
C LYS A 66 17.17 2.32 -14.90
N ARG A 67 16.76 3.52 -14.46
CA ARG A 67 17.59 4.71 -14.55
C ARG A 67 18.06 5.10 -13.16
N VAL A 68 19.38 5.05 -12.95
CA VAL A 68 19.99 5.29 -11.65
C VAL A 68 20.65 6.65 -11.64
N CYS A 69 20.33 7.46 -10.63
CA CYS A 69 20.97 8.75 -10.39
C CYS A 69 21.73 8.68 -9.08
N LYS A 70 23.05 8.69 -9.16
CA LYS A 70 23.89 8.66 -7.97
C LYS A 70 24.25 10.05 -7.46
N ASP A 71 23.98 11.09 -8.23
CA ASP A 71 24.26 12.48 -7.85
C ASP A 71 23.10 13.36 -8.28
N PRO A 72 22.82 14.41 -7.53
CA PRO A 72 21.79 15.35 -7.95
C PRO A 72 22.24 16.10 -9.24
N PRO A 73 21.32 16.61 -10.15
CA PRO A 73 19.91 16.39 -9.82
C PRO A 73 19.40 14.97 -10.05
N TYR A 74 18.52 14.52 -9.19
CA TYR A 74 17.98 13.20 -9.28
C TYR A 74 16.77 13.26 -10.22
N LYS A 75 16.98 12.99 -11.49
CA LYS A 75 15.94 13.19 -12.48
C LYS A 75 16.16 12.39 -13.77
N VAL A 76 15.10 12.21 -14.52
CA VAL A 76 15.14 11.62 -15.83
C VAL A 76 14.37 12.47 -16.84
N GLU A 77 14.94 12.77 -18.02
CA GLU A 77 14.19 13.45 -19.07
C GLU A 77 13.97 12.47 -20.22
N GLU A 78 12.74 12.41 -20.72
CA GLU A 78 12.40 11.44 -21.74
C GLU A 78 11.33 12.02 -22.65
N SER A 79 11.14 11.34 -23.78
CA SER A 79 10.02 11.59 -24.67
C SER A 79 9.16 10.33 -24.72
N GLY A 80 7.85 10.52 -24.75
CA GLY A 80 6.95 9.38 -24.68
C GLY A 80 5.60 9.69 -25.28
N TYR A 81 4.69 8.71 -25.14
CA TYR A 81 3.36 8.81 -25.72
C TYR A 81 2.23 8.43 -24.77
N ALA A 82 2.52 7.87 -23.61
CA ALA A 82 1.49 7.45 -22.68
C ALA A 82 1.95 7.65 -21.25
N GLY A 83 0.99 7.92 -20.36
CA GLY A 83 1.29 7.97 -18.95
C GLY A 83 1.39 6.58 -18.33
N PHE A 84 2.02 6.51 -17.16
CA PHE A 84 2.26 5.22 -16.53
C PHE A 84 2.68 5.43 -15.08
N ILE A 85 2.59 4.34 -14.31
CA ILE A 85 3.10 4.33 -12.94
C ILE A 85 4.61 4.11 -12.98
N LEU A 86 5.35 4.94 -12.26
CA LEU A 86 6.81 4.94 -12.26
C LEU A 86 7.31 4.69 -10.86
N PRO A 87 7.64 3.45 -10.48
CA PRO A 87 8.19 3.21 -9.15
C PRO A 87 9.54 3.88 -8.98
N ILE A 88 9.68 4.63 -7.90
CA ILE A 88 10.88 5.33 -7.55
C ILE A 88 11.44 4.84 -6.21
N GLU A 89 12.70 4.46 -6.18
CA GLU A 89 13.35 4.02 -4.98
C GLU A 89 14.43 5.02 -4.58
N VAL A 90 14.31 5.53 -3.39
CA VAL A 90 15.27 6.37 -2.76
C VAL A 90 16.08 5.60 -1.73
N TYR A 91 17.34 5.43 -2.01
CA TYR A 91 18.28 4.69 -1.19
C TYR A 91 19.03 5.66 -0.27
N PHE A 92 19.14 5.27 0.99
CA PHE A 92 19.76 6.05 2.02
C PHE A 92 21.19 5.64 2.33
N LYS A 93 21.95 6.59 2.83
CA LYS A 93 23.31 6.30 3.28
C LYS A 93 23.27 5.76 4.71
N ASN A 94 22.52 4.68 4.86
CA ASN A 94 22.21 4.08 6.15
C ASN A 94 22.68 2.64 6.17
N LYS A 95 23.26 2.22 7.29
CA LYS A 95 23.71 0.85 7.45
C LYS A 95 22.67 -0.04 8.12
N GLU A 96 21.66 0.54 8.75
CA GLU A 96 20.55 -0.20 9.33
C GLU A 96 19.33 -0.08 8.41
N GLU A 97 18.20 -0.49 8.92
CA GLU A 97 16.93 -0.33 8.22
C GLU A 97 16.28 0.99 8.62
N PRO A 98 15.53 1.63 7.71
CA PRO A 98 15.35 1.18 6.32
C PRO A 98 16.49 1.59 5.42
N ARG A 99 16.84 0.72 4.47
CA ARG A 99 17.90 1.05 3.52
C ARG A 99 17.39 1.90 2.38
N LYS A 100 16.09 1.79 2.06
CA LYS A 100 15.50 2.55 0.96
C LYS A 100 14.02 2.76 1.25
N VAL A 101 13.40 3.61 0.44
CA VAL A 101 11.95 3.79 0.46
C VAL A 101 11.47 3.86 -0.99
N ARG A 102 10.26 3.37 -1.22
CA ARG A 102 9.69 3.32 -2.55
C ARG A 102 8.43 4.17 -2.63
N PHE A 103 8.30 4.93 -3.71
CA PHE A 103 7.08 5.65 -4.06
C PHE A 103 6.68 5.25 -5.47
N ASP A 104 5.40 4.95 -5.67
CA ASP A 104 4.87 4.71 -7.01
C ASP A 104 4.37 6.04 -7.55
N TYR A 105 5.11 6.61 -8.49
CA TYR A 105 4.83 7.94 -9.00
C TYR A 105 3.99 7.85 -10.26
N ASP A 106 2.91 8.64 -10.31
CA ASP A 106 1.99 8.67 -11.44
C ASP A 106 2.52 9.66 -12.47
N LEU A 107 3.22 9.14 -13.48
CA LEU A 107 3.73 9.94 -14.60
C LEU A 107 2.59 10.11 -15.59
N PHE A 108 1.77 11.13 -15.39
CA PHE A 108 0.63 11.34 -16.28
C PHE A 108 0.91 12.47 -17.27
N LEU A 109 0.23 12.40 -18.41
CA LEU A 109 0.40 13.36 -19.49
C LEU A 109 -0.95 14.00 -19.81
N HIS A 110 -0.91 15.22 -20.34
CA HIS A 110 -2.12 15.92 -20.75
C HIS A 110 -2.24 15.94 -22.26
N LEU A 111 -3.46 15.80 -22.76
CA LEU A 111 -3.72 15.85 -24.18
C LEU A 111 -3.35 17.20 -24.76
N GLU A 112 -3.11 17.21 -26.07
CA GLU A 112 -2.91 18.46 -26.79
C GLU A 112 -4.12 19.37 -26.60
N GLY A 113 -3.86 20.68 -26.59
CA GLY A 113 -4.92 21.65 -26.36
C GLY A 113 -5.22 21.92 -24.90
N HIS A 114 -4.44 21.34 -23.98
CA HIS A 114 -4.55 21.58 -22.56
C HIS A 114 -3.19 22.02 -22.04
N PRO A 115 -3.15 22.76 -20.94
CA PRO A 115 -1.87 23.27 -20.43
C PRO A 115 -0.91 22.14 -20.09
N PRO A 116 0.38 22.39 -20.08
CA PRO A 116 1.34 21.33 -19.74
C PRO A 116 1.17 20.89 -18.30
N VAL A 117 1.71 19.71 -18.01
CA VAL A 117 1.68 19.17 -16.65
C VAL A 117 2.82 19.78 -15.85
N ASN A 118 2.50 20.30 -14.67
CA ASN A 118 3.50 20.77 -13.71
C ASN A 118 3.02 20.30 -12.34
N HIS A 119 3.42 19.09 -11.96
CA HIS A 119 2.90 18.44 -10.77
C HIS A 119 3.97 18.34 -9.69
N LEU A 120 3.54 18.48 -8.44
CA LEU A 120 4.43 18.38 -7.29
C LEU A 120 3.78 17.51 -6.23
N ARG A 121 4.57 16.58 -5.66
CA ARG A 121 4.10 15.65 -4.65
C ARG A 121 5.07 15.69 -3.48
N CYS A 122 4.56 16.05 -2.30
CA CYS A 122 5.38 16.19 -1.11
C CYS A 122 5.29 14.94 -0.26
N GLU A 123 6.43 14.46 0.22
CA GLU A 123 6.51 13.25 1.03
C GLU A 123 7.32 13.53 2.29
N LYS A 124 6.77 13.13 3.43
CA LYS A 124 7.44 13.22 4.71
C LYS A 124 7.94 11.83 5.11
N LEU A 125 9.23 11.72 5.38
CA LEU A 125 9.80 10.49 5.93
C LEU A 125 10.19 10.72 7.38
N THR A 126 9.97 9.71 8.21
CA THR A 126 10.29 9.77 9.63
C THR A 126 11.21 8.62 9.98
N PHE A 127 12.33 8.94 10.62
CA PHE A 127 13.32 7.95 11.08
C PHE A 127 13.38 8.01 12.59
N ASN A 128 12.88 6.97 13.26
CA ASN A 128 12.90 6.91 14.71
C ASN A 128 14.22 6.31 15.17
N ASN A 129 14.93 7.04 16.04
CA ASN A 129 16.20 6.62 16.61
C ASN A 129 17.17 6.05 15.56
N PRO A 130 17.56 6.84 14.57
CA PRO A 130 18.59 6.38 13.64
C PRO A 130 19.93 6.24 14.34
N THR A 131 20.84 5.51 13.70
CA THR A 131 22.18 5.45 14.21
C THR A 131 22.78 6.84 14.29
N GLU A 132 23.77 7.00 15.12
CA GLU A 132 24.42 8.25 15.28
C GLU A 132 24.96 8.73 13.93
N ASP A 133 25.52 7.83 13.16
CA ASP A 133 26.09 8.16 11.88
C ASP A 133 25.07 8.58 10.85
N PHE A 134 23.96 7.90 10.77
CA PHE A 134 22.90 8.28 9.86
C PHE A 134 22.20 9.56 10.30
N ARG A 135 21.99 9.70 11.59
CA ARG A 135 21.46 10.93 12.16
C ARG A 135 22.32 12.13 11.78
N ARG A 136 23.65 11.97 11.83
CA ARG A 136 24.53 13.07 11.45
C ARG A 136 24.34 13.46 10.00
N LYS A 137 24.17 12.47 9.11
CA LYS A 137 23.93 12.77 7.70
C LYS A 137 22.57 13.41 7.51
N LEU A 138 21.52 12.83 8.09
CA LEU A 138 20.17 13.36 7.94
C LEU A 138 20.09 14.82 8.38
N LEU A 139 20.75 15.17 9.48
CA LEU A 139 20.64 16.48 10.08
C LEU A 139 21.64 17.48 9.52
N LYS A 140 22.37 17.13 8.46
CA LYS A 140 23.06 18.12 7.66
C LYS A 140 22.22 18.61 6.50
N ALA A 141 21.13 17.91 6.20
CA ALA A 141 20.31 18.20 5.02
C ALA A 141 19.23 19.23 5.31
N GLN B 2 -6.45 13.75 -19.52
CA GLN B 2 -5.21 13.00 -19.57
C GLN B 2 -5.13 12.15 -20.84
N THR B 3 -3.92 11.93 -21.34
CA THR B 3 -3.71 11.00 -22.44
C THR B 3 -4.06 9.59 -22.02
N ALA B 4 -3.97 8.66 -22.97
CA ALA B 4 -4.06 7.26 -22.65
C ALA B 4 -2.90 6.85 -21.75
N ARG B 5 -3.01 5.68 -21.15
CA ARG B 5 -1.97 5.16 -20.27
C ARG B 5 -1.50 3.80 -20.73
N LYS B 6 -0.42 3.31 -20.14
CA LYS B 6 0.13 1.98 -20.48
C LYS B 6 0.75 1.41 -19.16
N HIS C 3 -19.35 -37.32 35.67
CA HIS C 3 -18.34 -37.52 34.64
C HIS C 3 -18.98 -37.87 33.31
N MET C 4 -18.32 -37.49 32.22
CA MET C 4 -18.82 -37.69 30.87
C MET C 4 -18.02 -38.78 30.17
N ALA C 5 -18.72 -39.66 29.46
CA ALA C 5 -18.05 -40.59 28.57
C ALA C 5 -17.68 -39.96 27.24
N SER C 6 -18.22 -38.79 26.93
CA SER C 6 -18.13 -38.23 25.60
C SER C 6 -17.44 -36.88 25.61
N SER C 7 -16.83 -36.56 24.48
CA SER C 7 -16.15 -35.30 24.26
C SER C 7 -16.27 -34.97 22.79
N CYS C 8 -15.76 -33.82 22.40
CA CYS C 8 -15.99 -33.44 21.02
C CYS C 8 -15.09 -32.29 20.61
N ALA C 9 -14.78 -32.26 19.32
CA ALA C 9 -14.06 -31.16 18.70
C ALA C 9 -14.93 -30.61 17.58
N VAL C 10 -15.12 -29.29 17.56
CA VAL C 10 -15.86 -28.62 16.52
C VAL C 10 -14.88 -27.82 15.68
N GLN C 11 -14.93 -28.01 14.36
CA GLN C 11 -14.11 -27.25 13.44
C GLN C 11 -15.00 -26.32 12.62
N VAL C 12 -14.57 -25.07 12.48
CA VAL C 12 -15.28 -24.09 11.66
C VAL C 12 -14.32 -23.56 10.62
N LYS C 13 -14.79 -23.47 9.37
CA LYS C 13 -14.01 -22.94 8.28
C LYS C 13 -14.28 -21.47 8.11
N LEU C 14 -13.21 -20.67 8.07
CA LEU C 14 -13.31 -19.25 7.78
C LEU C 14 -12.59 -18.96 6.47
N GLU C 15 -13.06 -17.94 5.76
CA GLU C 15 -12.43 -17.48 4.53
C GLU C 15 -12.07 -16.01 4.70
N LEU C 16 -10.78 -15.71 4.55
CA LEU C 16 -10.29 -14.34 4.49
C LEU C 16 -9.89 -14.04 3.06
N GLY C 17 -10.05 -12.80 2.65
CA GLY C 17 -9.69 -12.49 1.28
C GLY C 17 -9.90 -11.02 0.98
N HIS C 18 -9.47 -10.64 -0.23
CA HIS C 18 -9.64 -9.27 -0.65
C HIS C 18 -9.56 -9.17 -2.17
N ARG C 19 -10.16 -8.09 -2.67
CA ARG C 19 -10.14 -7.71 -4.06
C ARG C 19 -9.52 -6.32 -4.15
N ALA C 20 -8.75 -6.07 -5.20
CA ALA C 20 -8.12 -4.76 -5.33
C ALA C 20 -7.97 -4.41 -6.80
N GLN C 21 -8.44 -3.22 -7.17
CA GLN C 21 -8.44 -2.85 -8.58
C GLN C 21 -8.12 -1.37 -8.78
N VAL C 22 -7.38 -1.09 -9.87
CA VAL C 22 -6.95 0.27 -10.20
C VAL C 22 -8.15 1.13 -10.55
N ARG C 23 -8.25 2.29 -9.88
CA ARG C 23 -9.25 3.28 -10.21
C ARG C 23 -9.03 3.85 -11.60
N LYS C 24 -10.11 4.04 -12.31
CA LYS C 24 -10.13 4.75 -13.55
C LYS C 24 -9.54 6.14 -13.41
N LYS C 25 -10.04 6.88 -12.43
CA LYS C 25 -9.60 8.22 -12.09
C LYS C 25 -9.24 8.17 -10.61
N PRO C 26 -7.97 8.33 -10.24
CA PRO C 26 -7.62 8.25 -8.83
C PRO C 26 -8.23 9.45 -8.12
N THR C 27 -8.26 9.40 -6.79
CA THR C 27 -8.90 10.51 -6.09
C THR C 27 -8.04 11.77 -6.15
N VAL C 28 -8.60 12.85 -5.62
CA VAL C 28 -7.87 14.11 -5.53
C VAL C 28 -6.62 13.97 -4.66
N GLU C 29 -6.63 12.99 -3.76
CA GLU C 29 -5.48 12.69 -2.92
C GLU C 29 -4.49 11.74 -3.58
N GLY C 30 -4.80 11.26 -4.78
CA GLY C 30 -3.95 10.29 -5.44
C GLY C 30 -4.20 8.85 -5.05
N PHE C 31 -5.28 8.56 -4.34
CA PHE C 31 -5.67 7.18 -4.04
C PHE C 31 -5.92 6.45 -5.34
N THR C 32 -5.10 5.45 -5.64
CA THR C 32 -5.14 4.83 -6.96
C THR C 32 -5.99 3.58 -7.04
N HIS C 33 -6.21 2.88 -5.92
CA HIS C 33 -6.86 1.58 -5.95
C HIS C 33 -8.16 1.60 -5.17
N ASP C 34 -9.11 0.81 -5.63
CA ASP C 34 -10.29 0.46 -4.84
C ASP C 34 -10.13 -0.98 -4.37
N TRP C 35 -10.20 -1.20 -3.05
CA TRP C 35 -10.10 -2.56 -2.54
C TRP C 35 -11.20 -2.84 -1.53
N MET C 36 -11.42 -4.14 -1.33
CA MET C 36 -12.42 -4.66 -0.41
C MET C 36 -11.82 -5.86 0.30
N VAL C 37 -11.83 -5.84 1.63
CA VAL C 37 -11.33 -6.95 2.44
C VAL C 37 -12.49 -7.52 3.23
N PHE C 38 -12.43 -8.82 3.51
CA PHE C 38 -13.60 -9.46 4.11
C PHE C 38 -13.21 -10.69 4.92
N VAL C 39 -14.11 -11.07 5.81
CA VAL C 39 -14.12 -12.37 6.48
C VAL C 39 -15.50 -12.98 6.26
N ARG C 40 -15.54 -14.24 5.84
CA ARG C 40 -16.80 -14.91 5.58
C ARG C 40 -16.64 -16.41 5.78
N GLY C 41 -17.76 -17.12 5.70
CA GLY C 41 -17.75 -18.56 5.71
C GLY C 41 -17.80 -19.09 4.30
N PRO C 42 -17.34 -20.33 4.10
CA PRO C 42 -17.36 -20.92 2.75
C PRO C 42 -18.78 -21.10 2.25
N GLU C 43 -18.93 -20.98 0.94
CA GLU C 43 -20.21 -21.17 0.23
C GLU C 43 -21.38 -20.53 0.97
N HIS C 44 -21.21 -19.25 1.31
CA HIS C 44 -22.29 -18.43 1.86
C HIS C 44 -22.86 -18.99 3.16
N SER C 45 -22.09 -19.84 3.86
CA SER C 45 -22.51 -20.29 5.17
C SER C 45 -22.58 -19.10 6.12
N ASN C 46 -23.46 -19.20 7.10
CA ASN C 46 -23.74 -18.09 8.02
C ASN C 46 -22.87 -18.26 9.26
N ILE C 47 -21.86 -17.39 9.41
CA ILE C 47 -21.01 -17.42 10.60
C ILE C 47 -21.47 -16.45 11.67
N GLN C 48 -22.52 -15.66 11.40
CA GLN C 48 -23.07 -14.77 12.41
C GLN C 48 -23.53 -15.50 13.67
N HIS C 49 -23.87 -16.79 13.55
CA HIS C 49 -24.33 -17.55 14.70
C HIS C 49 -23.29 -17.59 15.81
N PHE C 50 -21.99 -17.62 15.45
CA PHE C 50 -20.94 -17.69 16.45
C PHE C 50 -19.96 -16.52 16.43
N VAL C 51 -20.04 -15.62 15.45
CA VAL C 51 -19.17 -14.45 15.40
C VAL C 51 -19.91 -13.27 16.03
N GLU C 52 -19.29 -12.67 17.04
CA GLU C 52 -19.87 -11.47 17.65
C GLU C 52 -19.62 -10.23 16.79
N LYS C 53 -18.40 -10.09 16.29
CA LYS C 53 -18.01 -8.97 15.45
C LYS C 53 -16.65 -9.29 14.82
N VAL C 54 -16.31 -8.55 13.78
CA VAL C 54 -14.99 -8.60 13.15
C VAL C 54 -14.41 -7.20 13.16
N VAL C 55 -13.18 -7.09 13.63
CA VAL C 55 -12.49 -5.80 13.74
C VAL C 55 -11.34 -5.78 12.74
N PHE C 56 -11.41 -4.85 11.78
CA PHE C 56 -10.36 -4.64 10.80
C PHE C 56 -9.49 -3.47 11.23
N HIS C 57 -8.20 -3.72 11.44
CA HIS C 57 -7.26 -2.67 11.85
C HIS C 57 -6.54 -2.14 10.62
N LEU C 58 -7.04 -1.05 10.05
CA LEU C 58 -6.43 -0.44 8.89
C LEU C 58 -5.13 0.26 9.28
N HIS C 59 -4.29 0.50 8.28
CA HIS C 59 -3.06 1.26 8.51
C HIS C 59 -3.39 2.64 9.03
N GLU C 60 -2.50 3.18 9.87
CA GLU C 60 -2.77 4.44 10.56
C GLU C 60 -2.96 5.60 9.61
N SER C 61 -2.54 5.47 8.34
CA SER C 61 -2.78 6.52 7.37
C SER C 61 -4.25 6.65 6.99
N PHE C 62 -5.08 5.63 7.30
CA PHE C 62 -6.50 5.77 7.01
C PHE C 62 -7.21 6.49 8.15
N PRO C 63 -8.22 7.30 7.86
CA PRO C 63 -9.06 7.83 8.93
C PRO C 63 -9.92 6.72 9.53
N ARG C 64 -10.23 6.88 10.82
CA ARG C 64 -10.96 5.89 11.62
C ARG C 64 -10.43 4.47 11.35
N PRO C 65 -9.15 4.22 11.57
CA PRO C 65 -8.57 2.95 11.10
C PRO C 65 -9.15 1.71 11.77
N LYS C 66 -9.70 1.82 12.97
CA LYS C 66 -10.34 0.67 13.63
C LYS C 66 -11.77 0.55 13.10
N ARG C 67 -11.98 -0.41 12.20
CA ARG C 67 -13.27 -0.63 11.57
C ARG C 67 -13.93 -1.87 12.19
N VAL C 68 -15.07 -1.67 12.84
CA VAL C 68 -15.78 -2.72 13.56
C VAL C 68 -17.03 -3.10 12.77
N CYS C 69 -17.19 -4.41 12.52
CA CYS C 69 -18.35 -4.95 11.83
C CYS C 69 -19.08 -5.90 12.78
N LYS C 70 -20.20 -5.45 13.35
CA LYS C 70 -20.96 -6.24 14.29
C LYS C 70 -21.96 -7.16 13.63
N ASP C 71 -22.22 -7.00 12.33
CA ASP C 71 -23.19 -7.78 11.59
C ASP C 71 -22.64 -8.04 10.19
N PRO C 72 -23.05 -9.14 9.55
CA PRO C 72 -22.62 -9.38 8.18
C PRO C 72 -23.17 -8.31 7.26
N PRO C 73 -22.45 -8.01 6.16
CA PRO C 73 -21.18 -8.64 5.82
C PRO C 73 -20.03 -8.09 6.65
N TYR C 74 -19.03 -8.92 6.91
CA TYR C 74 -17.84 -8.50 7.65
C TYR C 74 -16.81 -8.07 6.64
N LYS C 75 -16.80 -6.77 6.32
CA LYS C 75 -15.95 -6.27 5.25
C LYS C 75 -15.80 -4.76 5.41
N VAL C 76 -14.70 -4.24 4.83
CA VAL C 76 -14.56 -2.81 4.61
C VAL C 76 -14.14 -2.60 3.17
N GLU C 77 -14.63 -1.52 2.58
CA GLU C 77 -14.31 -1.11 1.23
C GLU C 77 -13.59 0.23 1.28
N GLU C 78 -12.43 0.33 0.65
CA GLU C 78 -11.64 1.53 0.75
C GLU C 78 -10.96 1.83 -0.58
N SER C 79 -10.39 3.04 -0.65
CA SER C 79 -9.56 3.48 -1.75
C SER C 79 -8.18 3.83 -1.20
N GLY C 80 -7.14 3.36 -1.87
CA GLY C 80 -5.79 3.50 -1.34
C GLY C 80 -4.74 3.47 -2.43
N TYR C 81 -3.48 3.54 -1.99
CA TYR C 81 -2.34 3.60 -2.89
C TYR C 81 -1.23 2.61 -2.56
N ALA C 82 -1.25 1.97 -1.40
CA ALA C 82 -0.14 1.11 -0.99
C ALA C 82 -0.66 -0.13 -0.29
N GLY C 83 0.06 -1.24 -0.46
CA GLY C 83 -0.23 -2.43 0.31
C GLY C 83 0.26 -2.33 1.73
N PHE C 84 -0.34 -3.13 2.61
CA PHE C 84 0.00 -3.06 4.02
C PHE C 84 -0.52 -4.30 4.74
N ILE C 85 0.04 -4.53 5.93
CA ILE C 85 -0.39 -5.62 6.79
C ILE C 85 -1.62 -5.15 7.56
N LEU C 86 -2.72 -5.89 7.46
CA LEU C 86 -3.99 -5.52 8.07
C LEU C 86 -4.35 -6.54 9.15
N PRO C 87 -4.18 -6.21 10.43
CA PRO C 87 -4.57 -7.15 11.49
C PRO C 87 -6.09 -7.25 11.59
N ILE C 88 -6.58 -8.49 11.63
CA ILE C 88 -8.01 -8.77 11.73
C ILE C 88 -8.27 -9.53 13.02
N GLU C 89 -9.35 -9.16 13.71
CA GLU C 89 -9.80 -9.84 14.91
C GLU C 89 -11.21 -10.35 14.70
N VAL C 90 -11.42 -11.64 14.93
CA VAL C 90 -12.73 -12.25 14.85
C VAL C 90 -13.16 -12.62 16.26
N TYR C 91 -14.17 -11.92 16.79
CA TYR C 91 -14.66 -12.14 18.14
C TYR C 91 -15.80 -13.16 18.12
N PHE C 92 -15.86 -13.98 19.15
CA PHE C 92 -16.81 -15.08 19.23
C PHE C 92 -17.91 -14.80 20.26
N LYS C 93 -19.07 -15.40 20.03
CA LYS C 93 -20.21 -15.30 20.96
C LYS C 93 -20.12 -16.39 22.03
N ASN C 94 -18.99 -16.43 22.72
CA ASN C 94 -18.83 -17.37 23.81
C ASN C 94 -18.28 -16.65 25.05
N LYS C 95 -18.46 -17.29 26.19
CA LYS C 95 -18.10 -16.71 27.47
C LYS C 95 -16.84 -17.33 28.06
N GLU C 96 -16.29 -18.35 27.40
CA GLU C 96 -15.03 -18.99 27.78
C GLU C 96 -13.96 -18.64 26.75
N GLU C 97 -12.77 -19.19 26.95
CA GLU C 97 -11.73 -19.02 25.96
C GLU C 97 -11.94 -20.01 24.81
N PRO C 98 -11.57 -19.62 23.57
CA PRO C 98 -11.03 -18.29 23.28
C PRO C 98 -12.14 -17.29 22.96
N ARG C 99 -11.92 -16.03 23.33
CA ARG C 99 -12.90 -15.00 23.00
C ARG C 99 -12.76 -14.53 21.56
N LYS C 100 -11.56 -14.61 20.99
CA LYS C 100 -11.33 -14.09 19.65
C LYS C 100 -10.15 -14.83 19.03
N VAL C 101 -10.02 -14.65 17.72
CA VAL C 101 -8.87 -15.15 16.97
C VAL C 101 -8.33 -13.99 16.13
N ARG C 102 -7.02 -13.92 16.00
CA ARG C 102 -6.36 -12.80 15.34
C ARG C 102 -5.55 -13.30 14.15
N PHE C 103 -5.62 -12.55 13.05
CA PHE C 103 -4.87 -12.84 11.84
C PHE C 103 -4.23 -11.56 11.34
N ASP C 104 -3.00 -11.67 10.85
CA ASP C 104 -2.38 -10.59 10.07
C ASP C 104 -2.69 -10.87 8.61
N TYR C 105 -3.53 -10.03 8.00
CA TYR C 105 -3.89 -10.19 6.60
C TYR C 105 -3.01 -9.31 5.74
N ASP C 106 -2.49 -9.88 4.65
CA ASP C 106 -1.61 -9.16 3.72
C ASP C 106 -2.50 -8.53 2.65
N LEU C 107 -2.87 -7.27 2.87
CA LEU C 107 -3.64 -6.50 1.90
C LEU C 107 -2.66 -5.98 0.85
N PHE C 108 -2.38 -6.79 -0.16
CA PHE C 108 -1.43 -6.40 -1.18
C PHE C 108 -2.15 -5.93 -2.45
N LEU C 109 -1.51 -5.02 -3.16
CA LEU C 109 -2.06 -4.43 -4.37
C LEU C 109 -1.15 -4.73 -5.55
N HIS C 110 -1.73 -4.77 -6.73
CA HIS C 110 -0.99 -5.01 -7.96
C HIS C 110 -1.00 -3.76 -8.83
N LEU C 111 0.12 -3.56 -9.52
CA LEU C 111 0.33 -2.33 -10.28
C LEU C 111 -0.66 -2.22 -11.43
N GLU C 112 -0.92 -0.98 -11.84
CA GLU C 112 -1.56 -0.70 -13.11
C GLU C 112 -0.90 -1.51 -14.22
N GLY C 113 -1.70 -1.98 -15.17
CA GLY C 113 -1.21 -2.84 -16.22
C GLY C 113 -1.26 -4.32 -15.91
N HIS C 114 -1.88 -4.71 -14.81
CA HIS C 114 -2.03 -6.09 -14.41
C HIS C 114 -3.48 -6.34 -14.01
N PRO C 115 -3.94 -7.59 -14.08
CA PRO C 115 -5.33 -7.86 -13.70
C PRO C 115 -5.54 -7.57 -12.22
N PRO C 116 -6.77 -7.27 -11.80
CA PRO C 116 -7.01 -6.95 -10.39
C PRO C 116 -6.72 -8.14 -9.51
N VAL C 117 -6.63 -7.86 -8.21
CA VAL C 117 -6.38 -8.90 -7.21
C VAL C 117 -7.71 -9.49 -6.78
N ASN C 118 -7.76 -10.82 -6.71
CA ASN C 118 -8.88 -11.56 -6.10
C ASN C 118 -8.22 -12.69 -5.32
N HIS C 119 -7.98 -12.46 -4.04
CA HIS C 119 -7.24 -13.37 -3.19
C HIS C 119 -8.18 -13.98 -2.14
N LEU C 120 -8.01 -15.27 -1.88
CA LEU C 120 -8.79 -15.96 -0.86
C LEU C 120 -7.86 -16.75 0.03
N ARG C 121 -8.03 -16.62 1.34
CA ARG C 121 -7.23 -17.29 2.34
C ARG C 121 -8.16 -18.12 3.22
N CYS C 122 -7.92 -19.43 3.28
CA CYS C 122 -8.78 -20.34 4.03
C CYS C 122 -8.14 -20.67 5.37
N GLU C 123 -8.92 -20.50 6.44
CA GLU C 123 -8.45 -20.75 7.80
C GLU C 123 -9.45 -21.66 8.50
N LYS C 124 -8.94 -22.68 9.17
CA LYS C 124 -9.76 -23.62 9.94
C LYS C 124 -9.55 -23.36 11.42
N LEU C 125 -10.65 -23.24 12.16
CA LEU C 125 -10.62 -23.10 13.60
C LEU C 125 -11.13 -24.38 14.25
N THR C 126 -10.57 -24.71 15.40
CA THR C 126 -10.93 -25.92 16.13
C THR C 126 -11.25 -25.54 17.57
N PHE C 127 -12.45 -25.90 18.03
CA PHE C 127 -12.86 -25.70 19.41
C PHE C 127 -13.07 -27.06 20.06
N ASN C 128 -12.26 -27.37 21.06
CA ASN C 128 -12.37 -28.63 21.79
C ASN C 128 -13.25 -28.44 23.01
N ASN C 129 -14.22 -29.34 23.16
CA ASN C 129 -15.21 -29.32 24.25
C ASN C 129 -15.74 -27.91 24.52
N PRO C 130 -16.37 -27.27 23.53
CA PRO C 130 -17.02 -25.98 23.81
C PRO C 130 -18.19 -26.16 24.76
N THR C 131 -18.59 -25.05 25.39
CA THR C 131 -19.77 -25.07 26.24
C THR C 131 -21.00 -25.41 25.40
N GLU C 132 -22.04 -25.90 26.09
CA GLU C 132 -23.29 -26.25 25.42
C GLU C 132 -23.83 -25.08 24.60
N ASP C 133 -23.81 -23.88 25.18
CA ASP C 133 -24.33 -22.71 24.48
C ASP C 133 -23.51 -22.40 23.24
N PHE C 134 -22.19 -22.41 23.37
CA PHE C 134 -21.35 -22.05 22.22
C PHE C 134 -21.35 -23.15 21.18
N ARG C 135 -21.33 -24.42 21.60
CA ARG C 135 -21.38 -25.52 20.64
C ARG C 135 -22.62 -25.44 19.76
N ARG C 136 -23.70 -24.98 20.31
CA ARG C 136 -24.88 -24.95 19.52
C ARG C 136 -24.86 -23.82 18.51
N LYS C 137 -24.35 -22.67 18.92
CA LYS C 137 -24.13 -21.60 17.95
C LYS C 137 -23.18 -22.05 16.86
N LEU C 138 -22.04 -22.63 17.25
CA LEU C 138 -21.04 -23.08 16.29
C LEU C 138 -21.64 -24.03 15.25
N LEU C 139 -22.52 -24.93 15.68
CA LEU C 139 -23.06 -25.95 14.81
C LEU C 139 -24.31 -25.53 14.06
N LYS C 140 -24.87 -24.36 14.37
CA LYS C 140 -25.87 -23.78 13.47
C LYS C 140 -25.20 -23.24 12.21
N ALA C 141 -23.90 -22.93 12.28
CA ALA C 141 -23.18 -22.30 11.19
C ALA C 141 -22.55 -23.32 10.25
N GLN D 2 3.74 -5.94 -7.70
CA GLN D 2 3.17 -5.37 -6.49
C GLN D 2 3.45 -3.87 -6.43
N THR D 3 2.50 -3.09 -5.99
CA THR D 3 2.70 -1.70 -5.71
C THR D 3 3.69 -1.51 -4.58
N ALA D 4 4.03 -0.27 -4.32
CA ALA D 4 4.75 0.07 -3.09
C ALA D 4 3.91 -0.30 -1.87
N ARG D 5 4.58 -0.43 -0.74
CA ARG D 5 3.90 -0.81 0.50
C ARG D 5 4.13 0.23 1.59
N LYS D 6 3.31 0.15 2.63
CA LYS D 6 3.45 1.07 3.77
C LYS D 6 3.20 0.34 5.14
#